data_9LMF
#
_entry.id   9LMF
#
_entity_poly.entity_id   1
_entity_poly.type   'polyribonucleotide'
_entity_poly.pdbx_seq_one_letter_code
;GCCGUCUCAAUAGUGGCUUAGCACAGAUAAUCCAUAGCGAUAUGGGAAAGCUUUUGUAGGUGUAUCAACAAGAGCGCCAG
UGAUGGUCAAUCUAAGCAAACCAAUCUUUAUGUAAUCAGUAAUGGUUACAGCACACGAAGUCAAAGCGCAAUACCAGAGC
CAAUCGGUGAGGUGCUGUGUCAGCAGUACGUGCGACGAGUGUGUAGGAGGUAUAAACUGACGAAGUUCAAGGGUGGUACC
AAGAGCGGUCAGCAUGUUGUGCAACGCUGGGAGGAUAUCCCAGUCAAACACAACAAGUCAAGGUGUACCAGCACCGAGAU
AACAAGUAGGCGUUGCGCAUUUUGUUGCUCAAAAGGCGACGAAACGCAAGGCAAUGCACGUCUGCGAUACACGAAAACAA
UGCUAUUUGUUGAAAAUAUUGGAAUAAAGCAAAAGUCAUUGCCCGUCGCAAACGAAAGUGUGCUUCGGUAGCUAGGCUAC
CUGCUAGAGUCUCGCAAGGAUAAUAGCAAAGUCAAAGAGUAAAGCAGCUUAGACCUUUAGCGGGGUUUUCGUUAAUUGAA
AAAUGGCUUAGUAGUUUGCGGCGUAACGAGUGGUUAGCGAUACUAACCGCGCAUGGUUGUUACUUGAAGGGAUUUGAGUG
GAUAAAAAACUAAAACAUAAGGUUUUGAAAGACAACUGACUAAACGUGUAAUCUCAGCGU
;
_entity_poly.pdbx_strand_id   A,B,C,D,E,F,G,H,I,J
#